data_5C1C
#
_entry.id   5C1C
#
_cell.length_a   75.249
_cell.length_b   113.843
_cell.length_c   88.741
_cell.angle_alpha   90.000
_cell.angle_beta   90.000
_cell.angle_gamma   90.000
#
_symmetry.space_group_name_H-M   'C 2 2 21'
#
loop_
_entity.id
_entity.type
_entity.pdbx_description
1 polymer Pectinesterase
2 non-polymer 'SULFATE ION'
3 non-polymer 'CHLORIDE ION'
4 non-polymer GLYCEROL
5 non-polymer 'ACETATE ION'
6 water water
#
_entity_poly.entity_id   1
_entity_poly.type   'polypeptide(L)'
_entity_poly.pdbx_seq_one_letter_code
;ESRTSAPSGCLTVGSDGTYSTIGDALDALGSSTSSACIYVASGTYEEQLTIDYAGDLTLYGETTDTSTYKDNVVTITHTI
SSPDAGSLDKSATVNVVSDGFSMYNINVENGYGEGAQAVALVGNADQLGFYGCQFSGYQDTLYVKAGTQYYSNCMIEGAV
DYIFGDASVWFGECDIVSNGAGAITASSRETSSDSGWYAIDNCNIKAASGVSLTEEVYLGRPWRVLARVIYQNSVLSDII
NPKGWTTMADGATPLYYEYNNSGAGSDTSDREYETSISAAVDKTTVLGETWGDWIDRSY
;
_entity_poly.pdbx_strand_id   A
#
# COMPACT_ATOMS: atom_id res chain seq x y z
N GLU A 1 3.27 -21.87 -2.67
CA GLU A 1 3.07 -22.29 -4.08
C GLU A 1 4.02 -21.50 -4.99
N SER A 2 4.41 -22.12 -6.10
CA SER A 2 5.07 -21.40 -7.19
C SER A 2 3.99 -21.08 -8.21
N ARG A 3 4.06 -19.91 -8.83
CA ARG A 3 3.14 -19.56 -9.92
CA ARG A 3 3.13 -19.56 -9.90
C ARG A 3 3.98 -19.24 -11.14
N THR A 4 4.12 -20.24 -12.02
CA THR A 4 5.03 -20.14 -13.17
C THR A 4 4.30 -20.30 -14.50
N SER A 5 2.98 -20.33 -14.45
CA SER A 5 2.15 -20.22 -15.65
C SER A 5 0.78 -19.70 -15.25
N ALA A 6 -0.02 -19.38 -16.26
CA ALA A 6 -1.30 -18.72 -16.04
C ALA A 6 -2.24 -19.61 -15.26
N PRO A 7 -2.82 -19.10 -14.15
CA PRO A 7 -3.89 -19.88 -13.55
C PRO A 7 -5.06 -19.98 -14.51
N SER A 8 -5.98 -20.89 -14.18
CA SER A 8 -7.09 -21.27 -15.03
C SER A 8 -7.86 -20.06 -15.54
N GLY A 9 -8.03 -19.95 -16.85
CA GLY A 9 -8.80 -18.88 -17.44
C GLY A 9 -8.14 -17.53 -17.59
N CYS A 10 -6.90 -17.36 -17.07
CA CYS A 10 -6.28 -16.04 -17.10
C CYS A 10 -5.67 -15.69 -18.45
N LEU A 11 -5.73 -14.42 -18.81
CA LEU A 11 -5.03 -13.91 -19.99
C LEU A 11 -3.54 -13.91 -19.66
N THR A 12 -2.70 -14.07 -20.67
CA THR A 12 -1.26 -14.09 -20.46
C THR A 12 -0.56 -12.91 -21.07
N VAL A 13 0.34 -12.32 -20.28
CA VAL A 13 1.20 -11.22 -20.71
C VAL A 13 2.64 -11.68 -20.56
N GLY A 14 3.46 -11.35 -21.55
CA GLY A 14 4.87 -11.63 -21.49
C GLY A 14 5.48 -11.82 -22.86
N SER A 15 6.79 -12.05 -22.86
CA SER A 15 7.54 -12.22 -24.10
C SER A 15 6.96 -13.34 -24.94
N ASP A 16 6.48 -14.40 -24.29
CA ASP A 16 5.90 -15.55 -24.97
C ASP A 16 4.42 -15.77 -24.67
N GLY A 17 3.74 -14.71 -24.22
CA GLY A 17 2.30 -14.76 -23.95
C GLY A 17 1.45 -14.17 -25.07
N THR A 18 0.15 -14.19 -24.86
CA THR A 18 -0.80 -13.61 -25.81
C THR A 18 -0.61 -12.11 -26.01
N TYR A 19 -0.31 -11.40 -24.94
CA TYR A 19 -0.11 -9.95 -24.97
C TYR A 19 1.32 -9.58 -24.57
N SER A 20 1.86 -8.57 -25.24
CA SER A 20 3.23 -8.11 -24.99
CA SER A 20 3.22 -8.10 -24.98
C SER A 20 3.28 -7.12 -23.82
N THR A 21 2.19 -6.38 -23.61
CA THR A 21 2.11 -5.41 -22.51
C THR A 21 0.92 -5.73 -21.59
N ILE A 22 1.00 -5.24 -20.36
CA ILE A 22 -0.09 -5.41 -19.42
C ILE A 22 -1.31 -4.63 -19.89
N GLY A 23 -1.06 -3.42 -20.40
CA GLY A 23 -2.12 -2.55 -20.93
C GLY A 23 -2.94 -3.21 -22.03
N ASP A 24 -2.26 -3.97 -22.89
CA ASP A 24 -2.94 -4.70 -23.95
C ASP A 24 -3.88 -5.74 -23.38
N ALA A 25 -3.45 -6.47 -22.34
CA ALA A 25 -4.35 -7.44 -21.68
C ALA A 25 -5.52 -6.77 -20.99
N LEU A 26 -5.26 -5.65 -20.29
CA LEU A 26 -6.35 -4.86 -19.70
C LEU A 26 -7.37 -4.42 -20.74
N ASP A 27 -6.88 -3.92 -21.86
CA ASP A 27 -7.74 -3.47 -22.96
C ASP A 27 -8.58 -4.62 -23.51
N ALA A 28 -7.97 -5.79 -23.60
CA ALA A 28 -8.63 -6.99 -24.09
C ALA A 28 -9.79 -7.44 -23.23
N LEU A 29 -9.87 -6.97 -21.98
CA LEU A 29 -11.00 -7.33 -21.13
C LEU A 29 -12.28 -6.63 -21.56
N GLY A 30 -12.14 -5.44 -22.12
CA GLY A 30 -13.28 -4.67 -22.60
C GLY A 30 -14.28 -4.32 -21.51
N SER A 31 -15.55 -4.34 -21.86
N SER A 31 -15.53 -4.15 -21.91
CA SER A 31 -16.63 -3.81 -21.00
CA SER A 31 -16.61 -3.86 -20.98
C SER A 31 -17.43 -4.84 -20.19
C SER A 31 -17.32 -5.15 -20.66
N SER A 32 -16.79 -5.90 -19.71
CA SER A 32 -17.50 -7.04 -19.14
C SER A 32 -17.59 -6.85 -17.62
N THR A 33 -18.62 -7.45 -17.01
CA THR A 33 -18.73 -7.50 -15.54
C THR A 33 -18.42 -8.90 -14.99
N SER A 34 -18.01 -9.80 -15.87
CA SER A 34 -17.55 -11.12 -15.47
C SER A 34 -16.23 -10.99 -14.69
N SER A 35 -15.99 -11.92 -13.77
CA SER A 35 -14.71 -11.94 -13.09
C SER A 35 -13.66 -12.29 -14.15
N ALA A 36 -12.45 -11.78 -13.97
CA ALA A 36 -11.39 -12.02 -14.93
C ALA A 36 -10.05 -12.06 -14.23
N CYS A 37 -9.06 -12.59 -14.93
CA CYS A 37 -7.71 -12.56 -14.42
C CYS A 37 -6.67 -12.51 -15.52
N ILE A 38 -5.51 -11.97 -15.14
CA ILE A 38 -4.39 -11.74 -16.03
C ILE A 38 -3.15 -12.23 -15.29
N TYR A 39 -2.35 -13.03 -15.97
CA TYR A 39 -1.07 -13.53 -15.47
C TYR A 39 0.02 -12.81 -16.23
N VAL A 40 0.97 -12.25 -15.49
CA VAL A 40 2.06 -11.48 -16.06
C VAL A 40 3.35 -12.24 -15.83
N ALA A 41 4.00 -12.61 -16.93
CA ALA A 41 5.29 -13.25 -16.88
C ALA A 41 6.38 -12.25 -16.53
N SER A 42 7.52 -12.78 -16.12
CA SER A 42 8.68 -11.99 -15.76
C SER A 42 8.98 -10.87 -16.75
N GLY A 43 9.40 -9.74 -16.20
CA GLY A 43 9.82 -8.61 -17.02
C GLY A 43 9.69 -7.30 -16.31
N THR A 44 10.26 -6.27 -16.91
CA THR A 44 10.03 -4.90 -16.48
C THR A 44 9.13 -4.29 -17.52
N TYR A 45 7.98 -3.79 -17.08
CA TYR A 45 6.95 -3.25 -17.94
C TYR A 45 6.87 -1.75 -17.71
N GLU A 46 7.39 -1.01 -18.68
CA GLU A 46 7.42 0.44 -18.65
C GLU A 46 6.06 0.96 -19.13
N GLU A 47 5.14 1.06 -18.18
CA GLU A 47 3.75 1.37 -18.46
C GLU A 47 3.14 2.18 -17.32
N GLN A 48 2.14 2.98 -17.68
CA GLN A 48 1.33 3.72 -16.71
C GLN A 48 -0.09 3.22 -16.92
N LEU A 49 -0.72 2.70 -15.88
CA LEU A 49 -1.96 1.95 -16.01
C LEU A 49 -3.08 2.50 -15.16
N THR A 50 -4.30 2.44 -15.69
CA THR A 50 -5.51 2.69 -14.92
C THR A 50 -6.31 1.40 -14.95
N ILE A 51 -6.64 0.88 -13.77
CA ILE A 51 -7.42 -0.34 -13.66
C ILE A 51 -8.84 0.09 -13.38
N ASP A 52 -9.69 0.04 -14.40
CA ASP A 52 -11.09 0.44 -14.24
C ASP A 52 -12.06 -0.61 -14.76
N TYR A 53 -11.62 -1.86 -14.84
CA TYR A 53 -12.48 -2.95 -15.29
C TYR A 53 -13.75 -3.06 -14.44
N ALA A 54 -14.87 -3.34 -15.11
CA ALA A 54 -16.18 -3.34 -14.44
C ALA A 54 -16.40 -4.54 -13.56
N GLY A 55 -15.78 -5.67 -13.90
CA GLY A 55 -15.90 -6.88 -13.11
C GLY A 55 -14.80 -6.97 -12.06
N ASP A 56 -14.72 -8.14 -11.42
CA ASP A 56 -13.68 -8.41 -10.43
C ASP A 56 -12.43 -8.93 -11.14
N LEU A 57 -11.36 -8.12 -11.11
CA LEU A 57 -10.12 -8.48 -11.80
C LEU A 57 -9.09 -8.92 -10.78
N THR A 58 -8.39 -10.00 -11.11
CA THR A 58 -7.19 -10.41 -10.37
C THR A 58 -5.97 -10.37 -11.29
N LEU A 59 -4.89 -9.74 -10.82
CA LEU A 59 -3.66 -9.64 -11.56
C LEU A 59 -2.59 -10.43 -10.82
N TYR A 60 -2.07 -11.48 -11.47
CA TYR A 60 -1.08 -12.35 -10.89
C TYR A 60 0.29 -12.14 -11.52
N GLY A 61 1.34 -12.07 -10.70
CA GLY A 61 2.69 -12.05 -11.19
C GLY A 61 3.35 -13.42 -11.03
N GLU A 62 4.25 -13.74 -11.95
CA GLU A 62 5.04 -14.94 -11.89
C GLU A 62 5.95 -14.89 -10.68
N THR A 63 6.04 -15.99 -9.94
CA THR A 63 6.98 -16.09 -8.84
C THR A 63 7.18 -17.52 -8.40
N THR A 64 8.39 -17.82 -7.95
CA THR A 64 8.69 -19.13 -7.38
C THR A 64 8.03 -19.34 -6.00
N ASP A 65 7.65 -18.26 -5.33
CA ASP A 65 7.05 -18.34 -3.99
C ASP A 65 6.04 -17.21 -3.80
N THR A 66 4.76 -17.55 -3.91
CA THR A 66 3.67 -16.57 -3.83
C THR A 66 3.52 -15.97 -2.43
N SER A 67 4.06 -16.64 -1.43
CA SER A 67 3.86 -16.28 -0.02
C SER A 67 4.66 -15.05 0.41
N THR A 68 5.51 -14.55 -0.49
CA THR A 68 6.40 -13.43 -0.18
C THR A 68 6.43 -12.50 -1.38
N TYR A 69 6.93 -11.29 -1.16
CA TYR A 69 7.22 -10.35 -2.25
C TYR A 69 8.69 -10.52 -2.74
N LYS A 70 9.49 -11.26 -1.99
CA LYS A 70 10.95 -11.23 -2.20
C LYS A 70 11.43 -11.87 -3.49
N ASP A 71 10.59 -12.72 -4.10
CA ASP A 71 10.96 -13.41 -5.32
C ASP A 71 10.23 -12.87 -6.55
N ASN A 72 9.60 -11.70 -6.42
CA ASN A 72 8.87 -11.14 -7.54
C ASN A 72 9.83 -10.89 -8.70
N VAL A 73 9.37 -11.18 -9.92
CA VAL A 73 10.13 -10.92 -11.13
C VAL A 73 9.38 -10.04 -12.13
N VAL A 74 8.23 -9.51 -11.71
CA VAL A 74 7.44 -8.58 -12.51
C VAL A 74 7.46 -7.20 -11.88
N THR A 75 7.92 -6.22 -12.65
CA THR A 75 7.98 -4.85 -12.18
C THR A 75 7.25 -3.96 -13.17
N ILE A 76 6.31 -3.15 -12.67
CA ILE A 76 5.66 -2.11 -13.45
C ILE A 76 6.28 -0.79 -13.03
N THR A 77 6.86 -0.06 -13.98
CA THR A 77 7.57 1.18 -13.66
C THR A 77 7.17 2.29 -14.63
N HIS A 78 7.16 3.50 -14.07
CA HIS A 78 6.94 4.74 -14.80
C HIS A 78 7.47 5.87 -13.91
N THR A 79 7.85 6.99 -14.51
CA THR A 79 8.43 8.11 -13.77
C THR A 79 7.77 9.42 -14.16
N ILE A 80 7.12 10.04 -13.17
CA ILE A 80 6.58 11.39 -13.30
C ILE A 80 6.16 11.87 -11.91
N SER A 81 6.34 13.16 -11.63
CA SER A 81 5.87 13.78 -10.40
C SER A 81 4.45 14.36 -10.56
N SER A 82 3.76 14.60 -9.44
CA SER A 82 2.40 15.17 -9.51
C SER A 82 2.35 16.59 -10.07
N PRO A 83 3.36 17.45 -9.76
CA PRO A 83 3.33 18.77 -10.42
C PRO A 83 3.37 18.65 -11.96
N ASP A 84 4.22 17.75 -12.47
CA ASP A 84 4.30 17.54 -13.92
C ASP A 84 3.06 16.84 -14.48
N ALA A 85 2.54 15.83 -13.77
CA ALA A 85 1.38 15.07 -14.24
C ALA A 85 0.06 15.84 -14.13
N GLY A 86 -0.02 16.77 -13.19
CA GLY A 86 -1.23 17.55 -12.99
C GLY A 86 -2.03 17.21 -11.74
N SER A 87 -1.82 16.01 -11.19
CA SER A 87 -2.46 15.61 -9.93
C SER A 87 -1.70 14.44 -9.35
N LEU A 88 -2.00 14.12 -8.09
CA LEU A 88 -1.42 12.92 -7.45
C LEU A 88 -1.82 11.66 -8.23
N ASP A 89 -3.09 11.55 -8.57
CA ASP A 89 -3.62 10.38 -9.28
C ASP A 89 -2.95 10.20 -10.64
N LYS A 90 -2.80 11.30 -11.37
CA LYS A 90 -2.19 11.28 -12.69
C LYS A 90 -0.69 10.96 -12.64
N SER A 91 -0.06 11.12 -11.48
CA SER A 91 1.35 10.72 -11.31
C SER A 91 1.52 9.21 -11.08
N ALA A 92 0.44 8.52 -10.79
CA ALA A 92 0.55 7.13 -10.35
C ALA A 92 0.98 6.20 -11.47
N THR A 93 1.91 5.31 -11.17
CA THR A 93 2.27 4.24 -12.11
C THR A 93 1.09 3.32 -12.34
N VAL A 94 0.34 3.02 -11.28
CA VAL A 94 -0.89 2.21 -11.38
C VAL A 94 -2.00 2.89 -10.58
N ASN A 95 -3.16 3.06 -11.22
CA ASN A 95 -4.30 3.75 -10.60
C ASN A 95 -5.46 2.78 -10.55
N VAL A 96 -5.78 2.27 -9.37
CA VAL A 96 -6.85 1.28 -9.21
C VAL A 96 -8.17 1.94 -8.84
N VAL A 97 -9.11 1.94 -9.78
CA VAL A 97 -10.46 2.47 -9.53
C VAL A 97 -11.55 1.40 -9.74
N SER A 98 -11.15 0.14 -9.68
CA SER A 98 -12.05 -0.98 -9.88
C SER A 98 -12.26 -1.70 -8.54
N ASP A 99 -13.49 -1.71 -8.04
CA ASP A 99 -13.84 -2.46 -6.84
C ASP A 99 -13.45 -3.94 -6.97
N GLY A 100 -13.02 -4.53 -5.86
CA GLY A 100 -12.75 -5.97 -5.81
C GLY A 100 -11.48 -6.41 -6.52
N PHE A 101 -10.65 -5.45 -6.95
CA PHE A 101 -9.37 -5.77 -7.57
C PHE A 101 -8.44 -6.47 -6.58
N SER A 102 -7.72 -7.48 -7.07
CA SER A 102 -6.67 -8.15 -6.30
C SER A 102 -5.40 -8.24 -7.12
N MET A 103 -4.26 -8.03 -6.47
CA MET A 103 -2.97 -8.16 -7.15
C MET A 103 -2.02 -9.01 -6.31
N TYR A 104 -1.34 -9.94 -6.97
CA TYR A 104 -0.45 -10.90 -6.32
C TYR A 104 0.94 -10.82 -6.92
N ASN A 105 1.94 -10.57 -6.09
CA ASN A 105 3.34 -10.75 -6.48
C ASN A 105 3.77 -9.89 -7.64
N ILE A 106 3.39 -8.62 -7.58
CA ILE A 106 3.82 -7.65 -8.57
C ILE A 106 4.51 -6.49 -7.85
N ASN A 107 5.59 -5.99 -8.45
CA ASN A 107 6.25 -4.77 -7.99
C ASN A 107 5.77 -3.55 -8.80
N VAL A 108 5.45 -2.47 -8.10
CA VAL A 108 5.03 -1.21 -8.71
C VAL A 108 5.94 -0.12 -8.18
N GLU A 109 6.47 0.69 -9.10
CA GLU A 109 7.37 1.76 -8.72
C GLU A 109 7.12 3.03 -9.53
N ASN A 110 7.37 4.15 -8.87
CA ASN A 110 7.54 5.43 -9.54
C ASN A 110 9.02 5.79 -9.41
N GLY A 111 9.69 6.01 -10.53
CA GLY A 111 11.14 6.23 -10.53
C GLY A 111 11.58 7.67 -10.31
N TYR A 112 10.65 8.57 -9.93
CA TYR A 112 11.00 9.98 -9.79
C TYR A 112 12.10 10.25 -8.75
N GLY A 113 11.97 9.66 -7.57
CA GLY A 113 12.94 9.88 -6.50
C GLY A 113 12.55 11.07 -5.63
N GLU A 114 13.48 11.55 -4.81
CA GLU A 114 13.17 12.63 -3.89
C GLU A 114 13.06 13.92 -4.67
N GLY A 115 12.12 14.78 -4.25
CA GLY A 115 12.06 16.16 -4.74
C GLY A 115 10.65 16.68 -4.89
N ALA A 116 9.72 15.77 -5.10
CA ALA A 116 8.30 16.07 -5.27
C ALA A 116 7.48 14.81 -5.07
N GLN A 117 6.17 14.99 -4.94
CA GLN A 117 5.23 13.87 -4.81
C GLN A 117 5.23 13.04 -6.09
N ALA A 118 5.35 11.73 -5.97
CA ALA A 118 5.29 10.85 -7.14
C ALA A 118 4.77 9.48 -6.72
N VAL A 119 3.51 9.21 -7.09
CA VAL A 119 2.79 8.06 -6.59
C VAL A 119 3.17 6.79 -7.35
N ALA A 120 3.38 5.70 -6.62
CA ALA A 120 3.60 4.39 -7.26
C ALA A 120 2.26 3.77 -7.58
N LEU A 121 1.42 3.58 -6.56
CA LEU A 121 0.08 3.05 -6.76
C LEU A 121 -0.96 3.84 -5.97
N VAL A 122 -2.09 4.14 -6.63
CA VAL A 122 -3.25 4.67 -5.94
C VAL A 122 -4.34 3.61 -5.87
N GLY A 123 -4.80 3.37 -4.65
CA GLY A 123 -5.97 2.52 -4.40
C GLY A 123 -7.15 3.43 -4.16
N ASN A 124 -8.12 3.40 -5.08
CA ASN A 124 -9.28 4.29 -5.00
C ASN A 124 -10.55 3.52 -5.36
N ALA A 125 -10.84 2.52 -4.55
CA ALA A 125 -11.99 1.63 -4.71
C ALA A 125 -12.10 0.72 -3.49
N ASP A 126 -13.21 -0.02 -3.39
CA ASP A 126 -13.45 -0.91 -2.25
C ASP A 126 -13.00 -2.34 -2.51
N GLN A 127 -12.74 -3.04 -1.41
CA GLN A 127 -12.39 -4.46 -1.43
C GLN A 127 -11.16 -4.73 -2.30
N LEU A 128 -10.14 -3.91 -2.10
CA LEU A 128 -8.86 -4.06 -2.79
C LEU A 128 -7.93 -4.92 -1.96
N GLY A 129 -7.36 -5.94 -2.59
CA GLY A 129 -6.45 -6.86 -1.91
C GLY A 129 -5.13 -6.95 -2.61
N PHE A 130 -4.05 -6.79 -1.85
CA PHE A 130 -2.70 -6.84 -2.36
C PHE A 130 -1.88 -7.84 -1.53
N TYR A 131 -1.25 -8.78 -2.24
CA TYR A 131 -0.62 -9.93 -1.63
C TYR A 131 0.76 -10.13 -2.21
N GLY A 132 1.79 -10.01 -1.37
CA GLY A 132 3.15 -10.22 -1.84
C GLY A 132 3.64 -9.23 -2.87
N CYS A 133 3.13 -8.00 -2.81
CA CYS A 133 3.51 -6.96 -3.77
C CYS A 133 4.56 -6.03 -3.16
N GLN A 134 5.23 -5.28 -4.03
CA GLN A 134 6.13 -4.21 -3.59
C GLN A 134 5.64 -2.90 -4.18
N PHE A 135 5.77 -1.83 -3.39
CA PHE A 135 5.41 -0.50 -3.81
C PHE A 135 6.56 0.39 -3.39
N SER A 136 7.20 1.03 -4.36
CA SER A 136 8.42 1.79 -4.13
C SER A 136 8.35 3.20 -4.70
N GLY A 137 8.80 4.15 -3.89
CA GLY A 137 8.92 5.56 -4.25
C GLY A 137 9.68 6.31 -3.17
N TYR A 138 9.48 7.61 -3.06
CA TYR A 138 10.11 8.42 -2.02
C TYR A 138 9.06 9.24 -1.28
N GLN A 139 8.47 10.22 -1.96
CA GLN A 139 7.40 11.01 -1.37
C GLN A 139 6.07 10.53 -1.95
N ASP A 140 5.13 10.14 -1.09
CA ASP A 140 3.78 9.76 -1.49
C ASP A 140 3.71 8.42 -2.28
N THR A 141 4.51 7.44 -1.88
CA THR A 141 4.58 6.16 -2.62
C THR A 141 3.22 5.50 -2.85
N LEU A 142 2.51 5.26 -1.74
CA LEU A 142 1.28 4.46 -1.74
C LEU A 142 0.09 5.32 -1.33
N TYR A 143 -0.73 5.65 -2.33
CA TYR A 143 -1.89 6.51 -2.10
C TYR A 143 -3.12 5.66 -1.84
N VAL A 144 -3.35 5.40 -0.55
CA VAL A 144 -4.52 4.66 -0.09
C VAL A 144 -5.64 5.71 0.02
N LYS A 145 -6.11 6.09 -1.16
CA LYS A 145 -6.93 7.29 -1.31
C LYS A 145 -8.30 7.15 -0.67
N ALA A 146 -8.98 6.04 -0.96
CA ALA A 146 -10.32 5.80 -0.45
C ALA A 146 -10.67 4.31 -0.60
N GLY A 147 -11.67 3.89 0.16
CA GLY A 147 -12.18 2.53 0.10
C GLY A 147 -11.50 1.57 1.07
N THR A 148 -12.07 0.38 1.21
CA THR A 148 -11.53 -0.65 2.07
C THR A 148 -10.41 -1.41 1.35
N GLN A 149 -9.25 -1.52 1.99
CA GLN A 149 -8.09 -2.12 1.36
C GLN A 149 -7.34 -3.00 2.33
N TYR A 150 -6.76 -4.06 1.80
CA TYR A 150 -6.01 -5.05 2.56
C TYR A 150 -4.70 -5.36 1.86
N TYR A 151 -3.60 -5.21 2.60
CA TYR A 151 -2.25 -5.47 2.13
C TYR A 151 -1.62 -6.55 3.02
N SER A 152 -1.22 -7.65 2.40
CA SER A 152 -0.60 -8.73 3.16
C SER A 152 0.72 -9.12 2.56
N ASN A 153 1.75 -9.22 3.41
CA ASN A 153 3.08 -9.65 3.00
C ASN A 153 3.63 -8.81 1.85
N CYS A 154 3.35 -7.51 1.93
CA CYS A 154 3.85 -6.54 0.97
C CYS A 154 5.04 -5.79 1.52
N MET A 155 5.77 -5.17 0.61
CA MET A 155 6.85 -4.27 0.93
C MET A 155 6.43 -2.90 0.46
N ILE A 156 6.34 -1.94 1.39
CA ILE A 156 5.98 -0.56 1.05
C ILE A 156 7.17 0.29 1.43
N GLU A 157 7.75 0.96 0.43
CA GLU A 157 8.98 1.74 0.62
C GLU A 157 8.82 3.21 0.23
N GLY A 158 9.37 4.07 1.08
CA GLY A 158 9.31 5.51 0.86
C GLY A 158 9.92 6.28 2.01
N ALA A 159 9.75 7.59 1.99
CA ALA A 159 10.31 8.49 3.01
C ALA A 159 9.30 9.47 3.58
N VAL A 160 8.53 10.09 2.71
CA VAL A 160 7.69 11.21 3.08
C VAL A 160 6.24 10.90 2.74
N ASP A 161 5.44 10.75 3.79
CA ASP A 161 4.00 10.53 3.67
C ASP A 161 3.76 9.42 2.68
N TYR A 162 4.48 8.31 2.84
CA TYR A 162 4.47 7.28 1.81
C TYR A 162 3.33 6.28 1.89
N ILE A 163 2.56 6.33 2.97
CA ILE A 163 1.22 5.71 3.03
C ILE A 163 0.27 6.82 3.40
N PHE A 164 -0.60 7.25 2.48
CA PHE A 164 -1.38 8.45 2.70
C PHE A 164 -2.73 8.39 2.01
N GLY A 165 -3.69 9.16 2.52
CA GLY A 165 -5.06 9.17 2.00
C GLY A 165 -6.08 8.74 3.03
N ASP A 166 -7.31 8.50 2.59
CA ASP A 166 -8.44 8.25 3.49
C ASP A 166 -9.08 6.88 3.31
N ALA A 167 -8.34 5.93 2.77
CA ALA A 167 -8.76 4.54 2.76
C ALA A 167 -8.95 4.05 4.19
N SER A 168 -9.81 3.05 4.39
CA SER A 168 -9.76 2.27 5.60
C SER A 168 -8.98 1.01 5.25
N VAL A 169 -7.79 0.90 5.82
CA VAL A 169 -6.78 0.00 5.29
C VAL A 169 -6.11 -0.80 6.40
N TRP A 170 -5.91 -2.09 6.13
CA TRP A 170 -5.24 -3.01 7.01
C TRP A 170 -3.98 -3.51 6.32
N PHE A 171 -2.84 -3.27 6.97
CA PHE A 171 -1.55 -3.81 6.55
C PHE A 171 -1.15 -4.92 7.48
N GLY A 172 -1.06 -6.14 6.97
CA GLY A 172 -0.70 -7.31 7.75
C GLY A 172 0.60 -7.94 7.28
N GLU A 173 1.52 -8.19 8.22
CA GLU A 173 2.77 -8.90 7.89
C GLU A 173 3.52 -8.24 6.74
N CYS A 174 3.49 -6.91 6.69
CA CYS A 174 4.17 -6.17 5.66
C CYS A 174 5.49 -5.64 6.19
N ASP A 175 6.44 -5.47 5.28
CA ASP A 175 7.67 -4.77 5.59
C ASP A 175 7.49 -3.35 5.13
N ILE A 176 7.58 -2.42 6.07
CA ILE A 176 7.44 -1.00 5.79
C ILE A 176 8.83 -0.40 5.97
N VAL A 177 9.36 0.12 4.87
CA VAL A 177 10.78 0.42 4.72
C VAL A 177 11.02 1.89 4.37
N SER A 178 11.67 2.61 5.28
CA SER A 178 11.95 4.02 5.07
C SER A 178 13.29 4.21 4.36
N ASN A 179 13.28 4.95 3.25
CA ASN A 179 14.51 5.24 2.51
C ASN A 179 14.94 6.72 2.63
N GLY A 180 14.36 7.42 3.60
CA GLY A 180 14.65 8.83 3.87
C GLY A 180 13.91 9.31 5.13
N ALA A 181 14.29 10.46 5.66
CA ALA A 181 13.61 11.03 6.82
C ALA A 181 12.19 11.51 6.49
N GLY A 182 11.25 11.25 7.38
CA GLY A 182 9.88 11.69 7.19
C GLY A 182 8.89 10.90 8.01
N ALA A 183 7.59 11.11 7.71
CA ALA A 183 6.51 10.42 8.39
C ALA A 183 5.98 9.33 7.49
N ILE A 184 5.77 8.15 8.06
CA ILE A 184 5.31 7.00 7.29
C ILE A 184 3.87 7.20 6.81
N THR A 185 2.95 7.47 7.72
CA THR A 185 1.54 7.64 7.36
C THR A 185 1.13 9.09 7.32
N ALA A 186 0.19 9.40 6.44
CA ALA A 186 -0.42 10.71 6.40
C ALA A 186 -1.90 10.55 6.05
N SER A 187 -2.69 10.15 7.04
CA SER A 187 -4.13 9.95 6.90
C SER A 187 -4.85 11.28 6.72
N SER A 188 -5.78 11.30 5.78
CA SER A 188 -6.67 12.43 5.54
C SER A 188 -8.07 12.23 6.08
N ARG A 189 -8.23 11.36 7.08
CA ARG A 189 -9.50 11.27 7.79
C ARG A 189 -9.80 12.65 8.38
N GLU A 190 -11.01 13.12 8.16
N GLU A 190 -11.00 13.16 8.14
CA GLU A 190 -11.34 14.53 8.30
CA GLU A 190 -11.32 14.56 8.41
C GLU A 190 -12.64 14.83 9.07
C GLU A 190 -12.62 14.82 9.17
N THR A 191 -13.48 13.82 9.29
CA THR A 191 -14.72 14.03 10.01
CA THR A 191 -14.77 14.01 9.93
C THR A 191 -15.02 12.87 10.93
N SER A 192 -15.83 13.15 11.96
CA SER A 192 -16.18 12.15 12.95
C SER A 192 -17.00 10.98 12.36
N SER A 193 -17.82 11.28 11.34
CA SER A 193 -18.65 10.26 10.69
CA SER A 193 -18.65 10.29 10.63
C SER A 193 -17.83 9.22 9.92
N ASP A 194 -16.61 9.57 9.54
CA ASP A 194 -15.70 8.69 8.84
C ASP A 194 -15.30 7.52 9.74
N SER A 195 -15.71 6.32 9.37
CA SER A 195 -15.47 5.15 10.21
C SER A 195 -14.12 4.47 9.91
N GLY A 196 -13.27 5.13 9.13
CA GLY A 196 -12.03 4.49 8.69
C GLY A 196 -10.91 4.49 9.70
N TRP A 197 -10.01 3.52 9.54
CA TRP A 197 -8.75 3.42 10.28
C TRP A 197 -7.63 3.07 9.30
N TYR A 198 -6.40 3.43 9.64
CA TYR A 198 -5.24 2.65 9.18
C TYR A 198 -4.85 1.74 10.34
N ALA A 199 -4.69 0.46 10.06
CA ALA A 199 -4.18 -0.50 11.03
C ALA A 199 -2.96 -1.18 10.44
N ILE A 200 -1.84 -1.04 11.14
CA ILE A 200 -0.56 -1.66 10.77
C ILE A 200 -0.32 -2.77 11.80
N ASP A 201 -0.49 -4.01 11.34
CA ASP A 201 -0.58 -5.16 12.22
C ASP A 201 0.46 -6.22 11.88
N ASN A 202 1.20 -6.68 12.89
CA ASN A 202 2.26 -7.68 12.68
C ASN A 202 3.19 -7.29 11.53
N CYS A 203 3.50 -5.99 11.43
CA CYS A 203 4.40 -5.50 10.41
C CYS A 203 5.80 -5.28 10.97
N ASN A 204 6.73 -5.05 10.06
N ASN A 204 6.73 -5.05 10.06
CA ASN A 204 8.12 -4.79 10.38
CA ASN A 204 8.12 -4.79 10.39
C ASN A 204 8.52 -3.45 9.80
C ASN A 204 8.52 -3.45 9.80
N ILE A 205 8.81 -2.49 10.67
CA ILE A 205 9.18 -1.13 10.25
C ILE A 205 10.70 -0.98 10.40
N LYS A 206 11.37 -0.63 9.31
CA LYS A 206 12.83 -0.57 9.31
C LYS A 206 13.38 0.36 8.22
N ALA A 207 14.67 0.67 8.31
CA ALA A 207 15.35 1.45 7.28
C ALA A 207 15.64 0.60 6.07
N ALA A 208 15.73 1.26 4.91
CA ALA A 208 16.28 0.64 3.72
C ALA A 208 17.75 0.35 3.99
N SER A 209 18.27 -0.72 3.39
CA SER A 209 19.67 -1.07 3.62
C SER A 209 20.55 0.09 3.15
N GLY A 210 21.62 0.36 3.88
CA GLY A 210 22.54 1.44 3.53
C GLY A 210 22.13 2.85 3.96
N VAL A 211 20.89 3.04 4.43
CA VAL A 211 20.44 4.36 4.87
CA VAL A 211 20.42 4.36 4.86
C VAL A 211 20.38 4.41 6.40
N SER A 212 21.03 5.41 6.98
CA SER A 212 21.03 5.60 8.43
C SER A 212 19.98 6.66 8.80
N LEU A 213 18.95 6.21 9.52
CA LEU A 213 17.80 7.05 9.83
C LEU A 213 17.43 6.93 11.31
N THR A 214 18.43 6.71 12.17
CA THR A 214 18.15 6.53 13.60
C THR A 214 17.39 7.74 14.14
N GLU A 215 16.21 7.48 14.70
CA GLU A 215 15.32 8.51 15.24
C GLU A 215 14.86 9.60 14.26
N GLU A 216 14.92 9.34 12.95
CA GLU A 216 14.54 10.35 11.96
C GLU A 216 13.22 10.07 11.25
N VAL A 217 12.50 9.05 11.70
CA VAL A 217 11.27 8.63 11.05
C VAL A 217 10.14 8.71 12.06
N TYR A 218 9.00 9.19 11.60
CA TYR A 218 7.80 9.28 12.42
C TYR A 218 6.77 8.28 11.93
N LEU A 219 6.00 7.76 12.88
CA LEU A 219 4.92 6.82 12.59
C LEU A 219 3.87 7.48 11.70
N GLY A 220 3.70 8.79 11.86
CA GLY A 220 2.80 9.53 11.02
C GLY A 220 2.63 10.98 11.40
N ARG A 221 1.95 11.71 10.51
CA ARG A 221 1.48 13.06 10.75
C ARG A 221 0.09 13.24 10.12
N PRO A 222 -0.68 14.21 10.61
CA PRO A 222 -2.09 14.28 10.18
C PRO A 222 -2.32 15.15 8.93
N TRP A 223 -2.60 14.50 7.80
CA TRP A 223 -2.84 15.23 6.57
C TRP A 223 -4.13 16.02 6.70
N ARG A 224 -5.09 15.47 7.43
CA ARG A 224 -6.29 16.19 7.83
C ARG A 224 -6.49 15.96 9.33
N VAL A 225 -7.43 16.69 9.92
CA VAL A 225 -7.43 16.86 11.38
C VAL A 225 -7.82 15.62 12.21
N LEU A 226 -8.44 14.62 11.60
CA LEU A 226 -8.90 13.47 12.38
C LEU A 226 -8.23 12.16 11.94
N ALA A 227 -6.99 12.28 11.46
CA ALA A 227 -6.19 11.14 11.07
C ALA A 227 -6.26 10.06 12.11
N ARG A 228 -6.50 8.81 11.69
CA ARG A 228 -6.59 7.72 12.63
C ARG A 228 -5.72 6.54 12.22
N VAL A 229 -4.71 6.25 13.04
CA VAL A 229 -3.70 5.21 12.74
C VAL A 229 -3.33 4.46 14.01
N ILE A 230 -3.28 3.13 13.91
CA ILE A 230 -2.75 2.28 14.97
C ILE A 230 -1.64 1.37 14.45
N TYR A 231 -0.52 1.34 15.18
CA TYR A 231 0.51 0.33 14.95
C TYR A 231 0.40 -0.65 16.09
N GLN A 232 0.18 -1.93 15.76
CA GLN A 232 -0.07 -2.96 16.77
C GLN A 232 0.65 -4.26 16.43
N ASN A 233 1.14 -4.94 17.46
CA ASN A 233 1.78 -6.25 17.30
C ASN A 233 2.93 -6.21 16.28
N SER A 234 3.60 -5.07 16.18
CA SER A 234 4.57 -4.83 15.13
C SER A 234 5.95 -4.61 15.70
N VAL A 235 6.96 -4.75 14.84
CA VAL A 235 8.34 -4.48 15.21
C VAL A 235 8.75 -3.12 14.65
N LEU A 236 9.22 -2.25 15.52
CA LEU A 236 9.65 -0.90 15.13
C LEU A 236 11.15 -0.76 15.40
N SER A 237 11.92 -0.53 14.34
CA SER A 237 13.36 -0.38 14.51
C SER A 237 13.71 0.97 15.12
N ASP A 238 14.99 1.18 15.39
CA ASP A 238 15.46 2.43 15.98
C ASP A 238 15.29 3.66 15.08
N ILE A 239 14.73 3.50 13.88
CA ILE A 239 14.43 4.68 13.03
C ILE A 239 13.37 5.60 13.63
N ILE A 240 12.52 5.08 14.52
CA ILE A 240 11.37 5.83 15.01
C ILE A 240 11.78 6.87 16.04
N ASN A 241 11.48 8.13 15.76
CA ASN A 241 11.75 9.22 16.67
C ASN A 241 11.04 8.96 18.00
N PRO A 242 11.70 9.25 19.13
CA PRO A 242 11.03 9.00 20.42
C PRO A 242 9.64 9.60 20.56
N LYS A 243 9.40 10.75 19.92
CA LYS A 243 8.07 11.38 19.98
C LYS A 243 6.99 10.60 19.21
N GLY A 244 7.41 9.75 18.28
CA GLY A 244 6.51 8.85 17.56
C GLY A 244 5.81 9.53 16.40
N TRP A 245 5.11 10.63 16.67
CA TRP A 245 4.27 11.28 15.70
C TRP A 245 4.65 12.75 15.56
N THR A 246 4.41 13.33 14.39
CA THR A 246 4.71 14.74 14.17
C THR A 246 3.47 15.47 13.61
N THR A 247 3.67 16.73 13.26
CA THR A 247 2.56 17.62 12.92
C THR A 247 2.42 17.84 11.43
N MET A 248 1.22 18.26 11.03
CA MET A 248 0.98 18.72 9.68
C MET A 248 -0.24 19.64 9.66
N ALA A 249 -1.45 19.08 9.65
CA ALA A 249 -2.64 19.92 9.55
C ALA A 249 -2.78 20.77 10.82
N ASP A 250 -2.99 22.08 10.65
CA ASP A 250 -3.18 22.95 11.81
C ASP A 250 -4.47 22.56 12.54
N GLY A 251 -4.41 22.55 13.87
CA GLY A 251 -5.58 22.23 14.69
C GLY A 251 -5.96 20.76 14.68
N ALA A 252 -5.04 19.90 14.26
CA ALA A 252 -5.29 18.47 14.17
C ALA A 252 -5.53 17.87 15.55
N THR A 253 -6.46 16.93 15.58
CA THR A 253 -6.72 16.10 16.77
C THR A 253 -6.67 14.63 16.35
N PRO A 254 -5.47 14.15 16.01
CA PRO A 254 -5.38 12.78 15.48
C PRO A 254 -5.70 11.72 16.51
N LEU A 255 -6.14 10.55 16.02
CA LEU A 255 -6.31 9.38 16.86
C LEU A 255 -5.19 8.40 16.53
N TYR A 256 -4.12 8.50 17.30
CA TYR A 256 -2.91 7.77 17.05
C TYR A 256 -2.63 6.82 18.20
N TYR A 257 -2.39 5.55 17.86
CA TYR A 257 -2.32 4.48 18.84
C TYR A 257 -1.17 3.52 18.59
N GLU A 258 -0.68 2.95 19.69
CA GLU A 258 0.25 1.83 19.63
C GLU A 258 -0.20 0.74 20.58
N TYR A 259 -0.03 -0.51 20.18
CA TYR A 259 -0.43 -1.60 21.05
C TYR A 259 0.47 -2.79 20.84
N ASN A 260 1.17 -3.19 21.89
CA ASN A 260 1.99 -4.39 21.92
C ASN A 260 3.03 -4.44 20.79
N ASN A 261 3.76 -3.33 20.59
CA ASN A 261 4.85 -3.32 19.63
C ASN A 261 6.15 -3.66 20.35
N SER A 262 7.13 -4.11 19.58
CA SER A 262 8.45 -4.44 20.07
C SER A 262 9.48 -3.73 19.21
N GLY A 263 10.77 -3.92 19.54
CA GLY A 263 11.87 -3.32 18.81
C GLY A 263 12.40 -2.07 19.46
N ALA A 264 13.56 -1.62 18.95
CA ALA A 264 14.30 -0.53 19.55
C ALA A 264 13.54 0.80 19.45
N GLY A 265 12.64 0.92 18.48
CA GLY A 265 11.83 2.13 18.33
C GLY A 265 10.46 2.10 19.01
N SER A 266 10.22 1.09 19.85
CA SER A 266 8.91 0.85 20.46
C SER A 266 8.70 1.42 21.86
N ASP A 267 9.70 2.09 22.42
CA ASP A 267 9.56 2.74 23.74
C ASP A 267 8.58 3.89 23.59
N THR A 268 7.51 3.89 24.37
CA THR A 268 6.45 4.92 24.27
C THR A 268 6.58 6.04 25.29
N SER A 269 7.62 6.02 26.14
CA SER A 269 7.66 6.96 27.28
C SER A 269 7.77 8.45 26.88
N ASP A 270 8.32 8.73 25.70
CA ASP A 270 8.43 10.12 25.23
C ASP A 270 7.48 10.45 24.09
N ARG A 271 6.46 9.63 23.87
CA ARG A 271 5.52 9.87 22.75
C ARG A 271 4.73 11.17 22.93
N GLU A 272 4.33 11.73 21.78
CA GLU A 272 3.43 12.86 21.71
C GLU A 272 2.29 12.49 20.78
N TYR A 273 1.13 13.12 20.99
CA TYR A 273 -0.03 13.01 20.10
C TYR A 273 -0.74 11.65 20.12
N GLU A 274 -0.49 10.84 21.14
CA GLU A 274 -1.11 9.52 21.20
C GLU A 274 -2.36 9.48 22.06
N THR A 275 -3.15 8.45 21.84
CA THR A 275 -4.31 8.14 22.63
C THR A 275 -4.15 6.72 23.15
N SER A 276 -4.66 6.46 24.36
CA SER A 276 -4.61 5.13 24.95
C SER A 276 -5.60 4.18 24.28
N ILE A 277 -5.20 2.92 24.17
CA ILE A 277 -6.10 1.85 23.76
C ILE A 277 -5.68 0.59 24.53
N SER A 278 -6.65 -0.24 24.88
CA SER A 278 -6.39 -1.38 25.75
C SER A 278 -6.38 -2.72 25.02
N ALA A 279 -6.66 -2.71 23.71
CA ALA A 279 -6.66 -3.92 22.92
C ALA A 279 -6.40 -3.54 21.46
N ALA A 280 -5.86 -4.48 20.71
CA ALA A 280 -5.67 -4.31 19.27
C ALA A 280 -7.02 -4.21 18.57
N VAL A 281 -7.05 -3.54 17.42
CA VAL A 281 -8.26 -3.53 16.60
C VAL A 281 -8.28 -4.74 15.66
N ASP A 282 -9.46 -5.14 15.22
CA ASP A 282 -9.58 -6.27 14.31
C ASP A 282 -10.06 -5.82 12.92
N LYS A 283 -10.08 -6.74 11.96
CA LYS A 283 -10.40 -6.38 10.59
C LYS A 283 -11.87 -6.00 10.43
N THR A 284 -12.73 -6.49 11.32
CA THR A 284 -14.12 -6.07 11.28
C THR A 284 -14.24 -4.57 11.54
N THR A 285 -13.48 -4.06 12.51
CA THR A 285 -13.45 -2.62 12.78
C THR A 285 -12.94 -1.83 11.56
N VAL A 286 -11.88 -2.32 10.94
CA VAL A 286 -11.22 -1.55 9.88
C VAL A 286 -11.89 -1.70 8.51
N LEU A 287 -12.32 -2.92 8.21
CA LEU A 287 -12.78 -3.27 6.87
C LEU A 287 -14.27 -3.63 6.76
N GLY A 288 -14.93 -3.84 7.89
CA GLY A 288 -16.34 -4.23 7.91
C GLY A 288 -16.52 -5.73 8.05
N GLU A 289 -17.74 -6.13 8.44
CA GLU A 289 -18.06 -7.52 8.76
C GLU A 289 -17.90 -8.47 7.57
N THR A 290 -17.97 -7.92 6.36
CA THR A 290 -17.91 -8.73 5.15
C THR A 290 -16.47 -9.03 4.68
N TRP A 291 -15.45 -8.68 5.46
CA TRP A 291 -14.08 -8.88 4.98
C TRP A 291 -13.76 -10.33 4.63
N GLY A 292 -14.35 -11.27 5.34
CA GLY A 292 -14.15 -12.69 5.02
C GLY A 292 -14.61 -13.10 3.62
N ASP A 293 -15.49 -12.29 3.01
CA ASP A 293 -16.00 -12.57 1.67
C ASP A 293 -15.00 -12.27 0.57
N TRP A 294 -14.12 -11.30 0.81
CA TRP A 294 -13.21 -10.84 -0.25
C TRP A 294 -11.72 -11.03 0.02
N ILE A 295 -11.32 -11.11 1.28
CA ILE A 295 -9.91 -11.30 1.60
C ILE A 295 -9.54 -12.74 1.30
N ASP A 296 -8.39 -12.93 0.66
CA ASP A 296 -7.86 -14.27 0.37
C ASP A 296 -7.35 -14.87 1.68
N ARG A 297 -8.20 -15.69 2.26
CA ARG A 297 -7.89 -16.41 3.48
C ARG A 297 -6.76 -17.41 3.28
N SER A 298 -6.89 -18.22 2.23
CA SER A 298 -5.89 -19.25 1.92
C SER A 298 -4.49 -18.65 1.93
N TYR A 299 -4.36 -17.45 1.38
CA TYR A 299 -3.10 -16.71 1.43
C TYR A 299 -2.70 -16.45 2.90
#